data_2V88
#
_entry.id   2V88
#
_cell.length_a   36.200
_cell.length_b   46.685
_cell.length_c   56.869
_cell.angle_alpha   90.00
_cell.angle_beta   97.20
_cell.angle_gamma   90.00
#
_symmetry.space_group_name_H-M   'P 1 21 1'
#
loop_
_entity.id
_entity.type
_entity.pdbx_description
1 polymer 'VDJ RECOMBINATION-ACTIVATING PROTEIN 2'
2 polymer 'H3R2ME2SK4ME3 PEPTIDE'
3 non-polymer 'ZINC ION'
4 water water
#
loop_
_entity_poly.entity_id
_entity_poly.type
_entity_poly.pdbx_seq_one_letter_code
_entity_poly.pdbx_strand_id
1 'polypeptide(L)'
;GPLGSPEFGYWITCCPTCDVDINTWVPFYSTELNKPAMIYCSHGDGHWVHAQCMDLEERTLIHLSEGSNKYYCNEHVQIA
RA
;
A,B
2 'polypeptide(L)' A(2MR)T(MLY)QTAA D,F
#
loop_
_chem_comp.id
_chem_comp.type
_chem_comp.name
_chem_comp.formula
ZN non-polymer 'ZINC ION' 'Zn 2'
#
# COMPACT_ATOMS: atom_id res chain seq x y z
N SER A 5 -9.38 -15.38 13.59
CA SER A 5 -10.35 -14.63 14.45
C SER A 5 -10.14 -13.12 14.16
N PRO A 6 -11.12 -12.27 14.43
CA PRO A 6 -10.78 -11.01 13.88
C PRO A 6 -10.81 -9.61 14.30
N GLU A 7 -10.02 -9.39 15.31
CA GLU A 7 -9.25 -8.17 15.29
C GLU A 7 -9.79 -6.79 15.20
N PHE A 8 -9.37 -6.04 16.17
CA PHE A 8 -9.78 -4.68 16.30
C PHE A 8 -8.52 -3.88 16.42
N GLY A 9 -8.68 -2.58 16.23
CA GLY A 9 -7.59 -1.65 16.38
C GLY A 9 -7.00 -1.06 15.15
N TYR A 10 -5.88 -0.36 15.32
CA TYR A 10 -5.19 0.28 14.22
C TYR A 10 -4.33 -0.68 13.40
N TRP A 11 -3.98 -1.82 13.97
CA TRP A 11 -3.11 -2.75 13.28
C TRP A 11 -3.75 -3.98 12.64
N ILE A 12 -4.98 -3.83 12.18
CA ILE A 12 -5.69 -4.90 11.51
C ILE A 12 -5.23 -4.96 10.05
N THR A 13 -5.67 -6.00 9.35
CA THR A 13 -5.39 -6.11 7.93
C THR A 13 -6.77 -5.67 7.43
N CYS A 14 -6.86 -4.40 7.03
CA CYS A 14 -8.14 -3.81 6.62
C CYS A 14 -8.80 -4.29 5.34
N CYS A 15 -8.02 -4.82 4.41
CA CYS A 15 -8.56 -5.30 3.15
C CYS A 15 -7.55 -6.24 2.48
N PRO A 16 -7.95 -6.90 1.38
CA PRO A 16 -7.06 -7.82 0.68
C PRO A 16 -5.68 -7.28 0.29
N THR A 17 -5.58 -5.97 0.04
CA THR A 17 -4.31 -5.37 -0.36
C THR A 17 -3.69 -4.45 0.69
N CYS A 18 -4.20 -4.50 1.92
CA CYS A 18 -3.71 -3.66 3.01
C CYS A 18 -2.19 -3.60 3.12
N ASP A 19 -1.66 -2.39 3.11
CA ASP A 19 -0.22 -2.12 3.19
C ASP A 19 0.22 -1.65 4.57
N VAL A 20 -0.72 -1.49 5.49
CA VAL A 20 -0.39 -1.04 6.83
C VAL A 20 0.02 -2.21 7.71
N ASP A 21 1.22 -2.15 8.26
CA ASP A 21 1.73 -3.21 9.12
C ASP A 21 2.38 -2.58 10.33
N ILE A 22 2.13 -3.15 11.51
CA ILE A 22 2.70 -2.60 12.74
C ILE A 22 4.22 -2.69 12.74
N ASN A 23 4.76 -3.53 11.87
CA ASN A 23 6.21 -3.71 11.76
C ASN A 23 6.88 -2.87 10.67
N THR A 24 6.09 -2.12 9.90
CA THR A 24 6.67 -1.32 8.83
C THR A 24 6.11 0.10 8.64
N TRP A 25 4.92 0.35 9.18
CA TRP A 25 4.25 1.65 9.03
C TRP A 25 5.02 2.93 9.38
N VAL A 26 4.76 3.98 8.60
CA VAL A 26 5.37 5.30 8.81
C VAL A 26 4.30 6.33 8.46
N PRO A 27 4.40 7.53 9.03
CA PRO A 27 3.38 8.54 8.72
C PRO A 27 3.35 8.93 7.24
N PHE A 28 2.14 9.15 6.74
CA PHE A 28 1.92 9.52 5.35
C PHE A 28 1.15 10.82 5.29
N TYR A 29 -0.02 10.85 5.92
CA TYR A 29 -0.85 12.05 5.93
C TYR A 29 -0.25 13.01 6.95
N SER A 30 -0.53 14.31 6.80
CA SER A 30 0.01 15.30 7.72
C SER A 30 -0.63 15.27 9.10
N THR A 31 -1.69 14.47 9.25
CA THR A 31 -2.38 14.36 10.53
C THR A 31 -1.89 13.15 11.31
N GLU A 32 -1.06 12.33 10.68
CA GLU A 32 -0.52 11.13 11.31
C GLU A 32 0.81 11.39 12.01
N LEU A 33 1.04 10.67 13.10
CA LEU A 33 2.29 10.79 13.84
C LEU A 33 2.80 9.38 14.15
N ASN A 34 2.08 8.67 15.02
CA ASN A 34 2.46 7.32 15.42
C ASN A 34 1.38 6.30 15.10
N LYS A 35 0.25 6.75 14.54
CA LYS A 35 -0.85 5.84 14.19
C LYS A 35 -1.41 6.10 12.79
N PRO A 36 -1.83 5.03 12.10
CA PRO A 36 -2.37 5.18 10.75
C PRO A 36 -3.76 5.81 10.78
N ALA A 37 -4.04 6.71 9.83
CA ALA A 37 -5.34 7.35 9.77
C ALA A 37 -6.34 6.32 9.29
N MET A 38 -7.53 6.32 9.88
CA MET A 38 -8.54 5.36 9.52
C MET A 38 -9.91 5.97 9.26
N ILE A 39 -10.74 5.24 8.53
CA ILE A 39 -12.06 5.72 8.21
C ILE A 39 -13.04 4.55 8.26
N TYR A 40 -14.25 4.83 8.72
CA TYR A 40 -15.26 3.81 8.88
C TYR A 40 -16.09 3.57 7.62
N CYS A 41 -16.15 2.32 7.17
CA CYS A 41 -16.95 1.95 6.00
C CYS A 41 -18.30 1.53 6.55
N SER A 42 -19.37 2.13 6.03
CA SER A 42 -20.72 1.84 6.51
C SER A 42 -21.40 0.62 5.93
N HIS A 43 -20.70 -0.16 5.12
CA HIS A 43 -21.31 -1.36 4.53
C HIS A 43 -21.61 -2.44 5.58
N GLY A 44 -22.76 -3.09 5.41
CA GLY A 44 -23.16 -4.15 6.34
C GLY A 44 -23.16 -3.71 7.79
N ASP A 45 -22.45 -4.46 8.65
CA ASP A 45 -22.38 -4.11 10.06
C ASP A 45 -21.29 -3.06 10.26
N GLY A 46 -20.66 -2.67 9.16
CA GLY A 46 -19.62 -1.66 9.22
C GLY A 46 -18.27 -2.19 9.67
N HIS A 47 -17.20 -1.53 9.24
CA HIS A 47 -15.84 -1.91 9.61
C HIS A 47 -14.89 -0.76 9.35
N TRP A 48 -13.71 -0.85 9.94
CA TRP A 48 -12.71 0.20 9.78
C TRP A 48 -11.61 -0.20 8.79
N VAL A 49 -11.16 0.76 7.99
CA VAL A 49 -10.08 0.52 7.04
C VAL A 49 -9.09 1.67 7.12
N HIS A 50 -7.87 1.41 6.67
CA HIS A 50 -6.84 2.44 6.69
C HIS A 50 -7.09 3.35 5.50
N ALA A 51 -7.13 4.65 5.74
CA ALA A 51 -7.36 5.59 4.66
C ALA A 51 -6.34 5.44 3.54
N GLN A 52 -5.07 5.20 3.90
CA GLN A 52 -4.02 5.05 2.90
C GLN A 52 -4.27 3.85 1.98
N CYS A 53 -4.79 2.77 2.55
CA CYS A 53 -5.06 1.57 1.80
C CYS A 53 -6.20 1.76 0.80
N MET A 54 -6.95 2.84 0.98
CA MET A 54 -8.08 3.13 0.09
C MET A 54 -7.62 4.12 -0.98
N ASP A 55 -6.36 4.52 -0.91
CA ASP A 55 -5.79 5.46 -1.86
C ASP A 55 -6.51 6.81 -1.81
N LEU A 56 -6.92 7.19 -0.61
CA LEU A 56 -7.61 8.45 -0.38
C LEU A 56 -6.63 9.61 -0.27
N GLU A 57 -6.84 10.65 -1.07
CA GLU A 57 -5.96 11.81 -1.01
C GLU A 57 -6.26 12.49 0.34
N GLU A 58 -5.27 13.18 0.90
CA GLU A 58 -5.47 13.81 2.22
C GLU A 58 -6.72 14.70 2.30
N ARG A 59 -6.92 15.57 1.33
N ARG A 59 -6.87 15.56 1.34
CA ARG A 59 -8.10 16.45 1.37
CA ARG A 59 -8.10 16.30 1.26
C ARG A 59 -9.41 15.63 1.31
C ARG A 59 -9.38 15.56 1.22
N THR A 60 -9.46 14.53 0.54
CA THR A 60 -10.70 13.79 0.52
C THR A 60 -10.96 13.26 1.94
N LEU A 61 -9.92 12.75 2.57
CA LEU A 61 -10.01 12.17 3.91
C LEU A 61 -10.46 13.19 4.95
N ILE A 62 -9.90 14.39 4.88
CA ILE A 62 -10.21 15.46 5.81
C ILE A 62 -11.64 15.97 5.62
N HIS A 63 -12.07 16.09 4.37
CA HIS A 63 -13.42 16.55 4.09
C HIS A 63 -14.42 15.52 4.60
N LEU A 64 -14.10 14.25 4.44
CA LEU A 64 -14.96 13.19 4.92
C LEU A 64 -15.09 13.27 6.44
N SER A 65 -13.98 13.52 7.12
CA SER A 65 -13.98 13.61 8.57
C SER A 65 -14.72 14.85 9.09
N GLU A 66 -14.91 15.84 8.21
CA GLU A 66 -15.58 17.09 8.57
C GLU A 66 -17.05 17.14 8.17
N GLY A 67 -17.60 15.98 7.76
CA GLY A 67 -18.98 15.94 7.36
C GLY A 67 -19.71 14.71 7.86
N SER A 68 -21.00 14.62 7.56
CA SER A 68 -21.80 13.49 8.02
C SER A 68 -22.01 12.43 6.93
N ASN A 69 -21.33 12.62 5.79
CA ASN A 69 -21.44 11.66 4.69
C ASN A 69 -20.87 10.32 5.10
N LYS A 70 -21.52 9.24 4.68
CA LYS A 70 -21.04 7.91 4.98
C LYS A 70 -20.02 7.51 3.94
N TYR A 71 -19.05 6.70 4.34
CA TYR A 71 -18.01 6.25 3.42
C TYR A 71 -18.13 4.74 3.20
N TYR A 72 -17.77 4.30 2.00
CA TYR A 72 -17.80 2.89 1.65
C TYR A 72 -16.46 2.53 1.03
N CYS A 73 -15.74 1.62 1.67
CA CYS A 73 -14.42 1.22 1.16
C CYS A 73 -14.49 0.75 -0.29
N ASN A 74 -13.32 0.63 -0.91
CA ASN A 74 -13.22 0.24 -2.31
C ASN A 74 -13.86 -1.14 -2.59
N GLU A 75 -13.78 -2.02 -1.61
CA GLU A 75 -14.42 -3.31 -1.72
C GLU A 75 -15.89 -3.30 -1.77
N HIS A 76 -16.55 -2.45 -0.99
CA HIS A 76 -18.00 -2.45 -0.93
C HIS A 76 -18.72 -1.30 -1.64
N VAL A 77 -17.98 -0.28 -2.06
CA VAL A 77 -18.57 0.88 -2.69
C VAL A 77 -19.49 0.60 -3.89
N GLN A 78 -19.17 -0.41 -4.68
CA GLN A 78 -19.98 -0.71 -5.86
C GLN A 78 -21.16 -1.63 -5.58
N ILE A 79 -21.36 -1.98 -4.30
CA ILE A 79 -22.47 -2.85 -3.95
C ILE A 79 -23.79 -2.09 -3.85
N ALA A 80 -24.81 -2.62 -4.51
CA ALA A 80 -26.13 -2.00 -4.51
C ALA A 80 -26.63 -1.90 -3.11
N ARG A 81 -26.79 -0.66 -2.69
CA ARG A 81 -27.26 -0.41 -1.37
C ARG A 81 -28.75 -0.44 -1.45
N ALA A 82 -29.36 -1.21 -2.36
CA ALA A 82 -30.82 -1.27 -2.57
C ALA A 82 -31.57 -2.33 -1.78
N SER B 5 -2.21 9.59 -7.61
CA SER B 5 -1.93 8.31 -8.17
C SER B 5 -0.60 7.89 -7.66
N PRO B 6 0.48 8.49 -8.20
CA PRO B 6 1.85 8.14 -7.83
C PRO B 6 2.33 8.32 -6.44
N GLU B 7 1.66 9.22 -5.76
CA GLU B 7 2.04 9.53 -4.43
C GLU B 7 1.85 8.36 -3.48
N PHE B 8 0.97 7.43 -3.84
CA PHE B 8 0.89 6.21 -3.06
C PHE B 8 2.04 5.22 -3.42
N GLY B 9 2.94 5.56 -4.32
CA GLY B 9 4.08 4.70 -4.63
C GLY B 9 4.04 3.55 -5.63
N TYR B 10 2.87 3.12 -6.09
CA TYR B 10 2.82 2.01 -7.03
C TYR B 10 2.92 2.42 -8.48
N TRP B 11 2.13 3.42 -8.86
CA TRP B 11 2.10 3.90 -10.23
C TRP B 11 3.14 4.95 -10.48
N ILE B 12 4.39 4.48 -10.52
CA ILE B 12 5.55 5.31 -10.77
C ILE B 12 6.38 4.58 -11.81
N THR B 13 7.38 5.27 -12.33
CA THR B 13 8.29 4.65 -13.29
C THR B 13 9.47 4.24 -12.41
N CYS B 14 9.44 3.01 -11.89
CA CYS B 14 10.48 2.52 -10.98
C CYS B 14 11.94 2.48 -11.46
N CYS B 15 12.16 2.45 -12.77
CA CYS B 15 13.53 2.43 -13.30
C CYS B 15 13.52 2.81 -14.78
N PRO B 16 14.71 3.01 -15.38
CA PRO B 16 14.81 3.38 -16.80
C PRO B 16 13.97 2.53 -17.75
N THR B 17 13.93 1.22 -17.51
CA THR B 17 13.18 0.31 -18.36
C THR B 17 11.84 -0.12 -17.76
N CYS B 18 11.32 0.68 -16.84
CA CYS B 18 10.04 0.36 -16.19
C CYS B 18 8.92 0.15 -17.20
N ASP B 19 8.20 -0.95 -17.06
CA ASP B 19 7.13 -1.30 -17.98
C ASP B 19 5.72 -1.19 -17.39
N VAL B 20 5.63 -0.87 -16.10
CA VAL B 20 4.34 -0.76 -15.43
C VAL B 20 3.64 0.57 -15.63
N ASP B 21 2.41 0.48 -16.12
CA ASP B 21 1.57 1.63 -16.41
C ASP B 21 0.15 1.29 -15.96
N ILE B 22 -0.44 2.15 -15.15
CA ILE B 22 -1.80 1.95 -14.65
C ILE B 22 -2.82 1.64 -15.75
N ASN B 23 -2.62 2.18 -16.95
CA ASN B 23 -3.55 1.95 -18.04
C ASN B 23 -3.38 0.65 -18.81
N THR B 24 -2.28 -0.06 -18.59
CA THR B 24 -2.05 -1.31 -19.30
C THR B 24 -1.64 -2.46 -18.40
N TRP B 25 -1.41 -2.18 -17.12
CA TRP B 25 -0.99 -3.21 -16.17
C TRP B 25 -2.03 -4.31 -15.98
N VAL B 26 -1.55 -5.52 -15.71
CA VAL B 26 -2.41 -6.66 -15.45
C VAL B 26 -1.70 -7.57 -14.45
N PRO B 27 -2.46 -8.31 -13.62
CA PRO B 27 -1.85 -9.20 -12.63
C PRO B 27 -0.86 -10.17 -13.28
N PHE B 28 0.25 -10.42 -12.59
CA PHE B 28 1.28 -11.32 -13.07
C PHE B 28 1.61 -12.35 -11.98
N TYR B 29 1.74 -11.89 -10.74
CA TYR B 29 2.05 -12.78 -9.62
C TYR B 29 0.75 -13.20 -8.96
N SER B 30 0.71 -14.39 -8.39
CA SER B 30 -0.48 -14.91 -7.75
C SER B 30 -0.92 -14.06 -6.55
N THR B 31 0.02 -13.29 -6.01
CA THR B 31 -0.28 -12.44 -4.85
C THR B 31 -0.90 -11.09 -5.20
N GLU B 32 -0.87 -10.71 -6.47
CA GLU B 32 -1.42 -9.43 -6.89
C GLU B 32 -2.92 -9.42 -7.17
N LEU B 33 -3.53 -8.27 -6.90
CA LEU B 33 -4.95 -8.06 -7.15
C LEU B 33 -5.12 -6.86 -8.09
N ASN B 34 -4.99 -5.65 -7.56
CA ASN B 34 -5.12 -4.47 -8.41
C ASN B 34 -3.89 -3.56 -8.36
N LYS B 35 -2.83 -4.05 -7.72
CA LYS B 35 -1.59 -3.29 -7.60
C LYS B 35 -0.37 -4.16 -7.84
N PRO B 36 0.64 -3.62 -8.55
CA PRO B 36 1.86 -4.40 -8.83
C PRO B 36 2.69 -4.68 -7.59
N ALA B 37 3.23 -5.89 -7.49
CA ALA B 37 4.07 -6.28 -6.37
C ALA B 37 5.36 -5.48 -6.46
N MET B 38 5.89 -5.07 -5.31
CA MET B 38 7.12 -4.28 -5.31
C MET B 38 8.09 -4.76 -4.24
N ILE B 39 9.35 -4.34 -4.38
CA ILE B 39 10.38 -4.72 -3.43
C ILE B 39 11.30 -3.53 -3.18
N TYR B 40 11.76 -3.41 -1.94
CA TYR B 40 12.60 -2.29 -1.54
C TYR B 40 14.10 -2.45 -1.77
N CYS B 41 14.70 -1.47 -2.46
CA CYS B 41 16.13 -1.47 -2.73
C CYS B 41 16.80 -0.60 -1.66
N SER B 42 17.80 -1.15 -0.98
CA SER B 42 18.48 -0.41 0.07
C SER B 42 19.61 0.50 -0.41
N HIS B 43 19.69 0.78 -1.71
CA HIS B 43 20.72 1.67 -2.23
C HIS B 43 20.50 3.12 -1.83
N GLY B 44 21.56 3.79 -1.38
CA GLY B 44 21.46 5.18 -0.99
C GLY B 44 20.35 5.41 0.01
N ASP B 45 19.49 6.39 -0.24
CA ASP B 45 18.38 6.67 0.66
C ASP B 45 17.22 5.69 0.43
N GLY B 46 17.41 4.77 -0.52
CA GLY B 46 16.41 3.76 -0.82
C GLY B 46 15.34 4.15 -1.82
N HIS B 47 14.68 3.16 -2.38
CA HIS B 47 13.61 3.36 -3.34
C HIS B 47 12.91 2.03 -3.61
N TRP B 48 11.73 2.10 -4.23
CA TRP B 48 10.96 0.91 -4.53
C TRP B 48 10.87 0.65 -6.03
N VAL B 49 11.01 -0.61 -6.42
CA VAL B 49 10.91 -1.02 -7.81
C VAL B 49 9.89 -2.14 -7.94
N HIS B 50 9.25 -2.25 -9.10
CA HIS B 50 8.26 -3.29 -9.34
C HIS B 50 9.01 -4.62 -9.50
N ALA B 51 8.51 -5.67 -8.85
CA ALA B 51 9.14 -6.98 -8.92
C ALA B 51 9.30 -7.42 -10.38
N GLN B 52 8.27 -7.20 -11.17
CA GLN B 52 8.29 -7.56 -12.59
C GLN B 52 9.37 -6.83 -13.38
N CYS B 53 9.60 -5.57 -13.05
CA CYS B 53 10.60 -4.80 -13.76
C CYS B 53 12.02 -5.29 -13.46
N MET B 54 12.17 -6.09 -12.41
CA MET B 54 13.48 -6.63 -12.06
C MET B 54 13.58 -8.06 -12.59
N ASP B 55 12.53 -8.50 -13.29
CA ASP B 55 12.45 -9.84 -13.85
C ASP B 55 12.57 -10.91 -12.78
N LEU B 56 11.85 -10.71 -11.69
CA LEU B 56 11.87 -11.66 -10.59
C LEU B 56 10.78 -12.72 -10.73
N GLU B 57 11.21 -13.98 -10.72
CA GLU B 57 10.27 -15.10 -10.79
C GLU B 57 9.43 -15.01 -9.54
N GLU B 58 8.21 -15.54 -9.56
CA GLU B 58 7.39 -15.47 -8.38
C GLU B 58 8.07 -16.13 -7.17
N ARG B 59 8.66 -17.30 -7.35
CA ARG B 59 9.32 -17.97 -6.23
C ARG B 59 10.48 -17.18 -5.66
N THR B 60 11.15 -16.41 -6.51
CA THR B 60 12.26 -15.60 -6.07
C THR B 60 11.74 -14.44 -5.24
N LEU B 61 10.65 -13.83 -5.71
CA LEU B 61 10.05 -12.70 -5.02
C LEU B 61 9.58 -13.15 -3.64
N ILE B 62 8.82 -14.23 -3.61
CA ILE B 62 8.29 -14.77 -2.36
C ILE B 62 9.43 -15.09 -1.40
N HIS B 63 10.50 -15.69 -1.91
CA HIS B 63 11.65 -16.04 -1.07
C HIS B 63 12.18 -14.79 -0.40
N LEU B 64 12.48 -13.79 -1.21
CA LEU B 64 12.93 -12.50 -0.71
C LEU B 64 11.98 -11.90 0.32
N SER B 65 10.70 -11.86 0.00
CA SER B 65 9.72 -11.36 0.94
C SER B 65 9.60 -12.04 2.31
N GLU B 66 10.01 -13.29 2.44
CA GLU B 66 9.86 -14.09 3.67
C GLU B 66 11.11 -14.05 4.43
N GLY B 67 12.16 -13.56 3.75
CA GLY B 67 13.48 -13.33 4.30
C GLY B 67 13.66 -12.00 4.99
N SER B 68 14.80 -11.93 5.66
CA SER B 68 15.19 -10.77 6.39
C SER B 68 16.29 -10.00 5.69
N ASN B 69 16.85 -10.54 4.62
CA ASN B 69 17.91 -9.89 3.87
C ASN B 69 17.50 -8.57 3.24
N LYS B 70 18.48 -7.70 3.01
CA LYS B 70 18.22 -6.45 2.32
C LYS B 70 18.26 -6.81 0.84
N TYR B 71 17.74 -5.94 0.00
CA TYR B 71 17.72 -6.19 -1.44
C TYR B 71 18.25 -4.98 -2.21
N TYR B 72 19.10 -5.24 -3.21
CA TYR B 72 19.63 -4.19 -4.06
C TYR B 72 19.17 -4.50 -5.49
N CYS B 73 18.50 -3.55 -6.12
CA CYS B 73 17.98 -3.75 -7.47
C CYS B 73 19.07 -3.99 -8.52
N ASN B 74 18.65 -4.40 -9.71
CA ASN B 74 19.55 -4.68 -10.82
C ASN B 74 20.43 -3.49 -11.18
N GLU B 75 19.91 -2.29 -10.96
CA GLU B 75 20.61 -1.06 -11.28
C GLU B 75 21.66 -0.62 -10.27
N HIS B 76 21.51 -1.06 -9.01
CA HIS B 76 22.44 -0.66 -7.96
C HIS B 76 23.27 -1.75 -7.28
N VAL B 77 22.86 -3.01 -7.44
CA VAL B 77 23.57 -4.10 -6.79
C VAL B 77 25.05 -4.17 -7.17
N GLN B 78 25.39 -3.68 -8.35
CA GLN B 78 26.77 -3.73 -8.79
C GLN B 78 27.62 -2.52 -8.40
N ILE B 79 27.08 -1.65 -7.54
CA ILE B 79 27.82 -0.49 -7.10
C ILE B 79 28.49 -0.87 -5.78
N ALA B 80 29.78 -0.63 -5.70
CA ALA B 80 30.55 -0.97 -4.50
C ALA B 80 30.01 -0.27 -3.25
N ARG B 81 30.00 -1.00 -2.15
CA ARG B 81 29.44 -0.48 -0.91
C ARG B 81 30.25 -0.37 0.38
N ALA B 82 30.09 0.74 1.10
CA ALA B 82 30.67 0.82 2.44
C ALA B 82 29.58 1.51 3.25
N ALA C 1 -18.25 11.30 7.83
CA ALA C 1 -17.81 9.91 8.13
C ALA C 1 -16.91 9.87 9.36
N 2MR C 2 -17.05 8.82 10.16
CA 2MR C 2 -16.22 8.65 11.35
CB 2MR C 2 -16.77 7.53 12.23
CG 2MR C 2 -17.70 7.97 13.35
CD 2MR C 2 -18.83 6.96 13.53
NE 2MR C 2 -18.39 5.69 14.13
CZ 2MR C 2 -19.01 4.47 14.17
NH1 2MR C 2 -18.33 3.51 14.81
CQ1 2MR C 2 -18.90 2.13 14.93
NH2 2MR C 2 -20.25 4.13 13.66
CQ2 2MR C 2 -21.16 5.01 12.95
C 2MR C 2 -14.80 8.34 10.92
O 2MR C 2 -14.60 7.60 9.99
N THR C 3 -13.83 8.92 11.62
CA THR C 3 -12.44 8.68 11.28
C THR C 3 -11.53 8.73 12.50
N MLY C 4 -10.28 8.33 12.30
CA MLY C 4 -9.25 8.32 13.34
CB MLY C 4 -8.93 6.90 13.75
CG MLY C 4 -10.04 6.16 14.47
CD MLY C 4 -9.68 4.69 14.56
CE MLY C 4 -10.56 3.91 15.53
NZ MLY C 4 -10.19 2.45 15.61
CH1 MLY C 4 -10.61 1.60 14.46
CH2 MLY C 4 -8.77 2.14 15.98
C MLY C 4 -7.98 8.98 12.80
O MLY C 4 -7.61 8.79 11.65
N GLN C 5 -7.29 9.72 13.67
CA GLN C 5 -6.05 10.38 13.30
C GLN C 5 -6.21 11.37 12.14
N THR C 6 -7.32 12.10 12.13
CA THR C 6 -7.53 13.10 11.08
C THR C 6 -7.56 14.49 11.69
N ALA C 7 -7.25 14.57 12.98
CA ALA C 7 -7.23 15.85 13.69
C ALA C 7 -5.91 16.55 13.45
N ALA C 8 -5.95 17.73 12.83
CA ALA C 8 -4.75 18.49 12.52
C ALA C 8 -3.73 18.44 13.67
N ALA D 1 13.60 -9.01 2.90
CA ALA D 1 13.47 -7.71 2.22
C ALA D 1 12.02 -7.25 2.25
N 2MR D 2 11.86 -5.94 2.40
N 2MR D 2 11.81 -5.99 2.36
CA 2MR D 2 10.53 -5.29 2.44
CA 2MR D 2 10.50 -5.41 2.45
CB 2MR D 2 10.64 -3.82 2.86
CB 2MR D 2 10.64 -3.95 2.83
CG 2MR D 2 10.73 -3.61 4.36
CG 2MR D 2 10.94 -3.57 4.19
CD 2MR D 2 9.35 -3.40 4.97
CD 2MR D 2 9.83 -3.63 5.13
NE 2MR D 2 8.88 -2.03 4.76
NE 2MR D 2 10.53 -3.76 6.39
CZ 2MR D 2 7.68 -1.71 4.30
CZ 2MR D 2 10.84 -2.78 7.24
NH1 2MR D 2 7.35 -0.44 4.14
NH1 2MR D 2 11.50 -3.04 8.33
NH2 2MR D 2 6.80 -2.65 3.98
NH2 2MR D 2 10.46 -1.54 7.09
C 2MR D 2 9.84 -5.40 1.07
C 2MR D 2 9.79 -5.48 1.10
O 2MR D 2 10.47 -5.06 0.05
O 2MR D 2 10.31 -5.12 0.13
N THR D 3 8.57 -5.87 1.06
CA THR D 3 7.87 -5.99 -0.21
C THR D 3 6.44 -5.57 0.00
N MLY D 4 5.73 -5.42 -1.10
CA MLY D 4 4.33 -5.04 -1.06
CB MLY D 4 4.16 -3.56 -1.40
CG MLY D 4 4.76 -2.63 -0.34
CD MLY D 4 4.41 -1.16 -0.54
CE MLY D 4 5.12 -0.55 -1.73
NZ MLY D 4 5.07 0.93 -1.73
CH1 MLY D 4 5.88 1.47 -2.88
CH2 MLY D 4 3.69 1.53 -1.74
C MLY D 4 3.54 -5.92 -2.04
O MLY D 4 4.07 -6.32 -3.09
N GLN D 5 2.31 -6.24 -1.68
CA GLN D 5 1.44 -7.06 -2.51
C GLN D 5 1.99 -8.46 -2.76
N THR D 6 2.66 -9.01 -1.74
CA THR D 6 3.24 -10.34 -1.83
C THR D 6 2.59 -11.25 -0.80
N ALA D 7 1.66 -10.69 -0.04
CA ALA D 7 0.95 -11.43 1.00
C ALA D 7 0.29 -12.67 0.44
N ALA D 8 -0.51 -12.53 -0.52
ZN ZN E . -5.05 -1.31 5.53
ZN ZN F . -16.21 -1.84 3.43
ZN ZN G . 8.61 -0.63 -12.81
ZN ZN H . 18.06 0.33 -6.48
#